data_4KB5
#
_entry.id   4KB5
#
_cell.length_a   85.114
_cell.length_b   85.114
_cell.length_c   193.143
_cell.angle_alpha   90.00
_cell.angle_beta   90.00
_cell.angle_gamma   90.00
#
_symmetry.space_group_name_H-M   'P 41 21 2'
#
loop_
_entity.id
_entity.type
_entity.pdbx_description
1 polymer 'Membrane-anchored mycosin mycp1'
2 non-polymer GLYCEROL
3 water water
#
_entity_poly.entity_id   1
_entity_poly.type   'polypeptide(L)'
_entity_poly.pdbx_seq_one_letter_code
;MIDPPVIDAGAVPPDETGPDQPTEQRKICATPTVMPNSNFADRPWANDYLRIQEAQKFATGAGVTVAVIDTGVNGSPRVP
AEPGGDFVDAAGNGMSDCDAHGTMTAAIIGGRPSPTDGFVGMAPDVRLLSLRQTSVAFQPKGARQDPNDPNTTQTAGSIR
SLARSVVHAANLGAQVINISEAACYKVTRRIDETSLGAAINYAVNVKGAVIVVAAGNTGQDCSQNPPPDPSVPSDPRGWR
EVQTIVSPAWYDPLVLTVGSIGQNGQPSNFSMSGPWVGAAAPGENLTSLGYDGQPVNATPGEDGPVPLNGTSFSAAYVSG
LAALVKQRFPDLTPAQIINRITATARHPGGGVDNYVGAGVIDPVAALTWEIPDGPEKAPFRVKEVPPPVYIPPPDRGPIT
LEHHHHHH
;
_entity_poly.pdbx_strand_id   A
#
loop_
_chem_comp.id
_chem_comp.type
_chem_comp.name
_chem_comp.formula
GOL non-polymer GLYCEROL 'C3 H8 O3'
#
# COMPACT_ATOMS: atom_id res chain seq x y z
N MET A 1 21.00 -10.71 -8.14
CA MET A 1 21.35 -9.91 -6.98
C MET A 1 21.12 -8.42 -7.24
N ILE A 2 21.16 -7.62 -6.19
CA ILE A 2 20.96 -6.18 -6.31
C ILE A 2 21.18 -5.48 -4.97
N ASP A 3 21.61 -4.22 -5.03
CA ASP A 3 21.86 -3.44 -3.83
C ASP A 3 20.58 -2.67 -3.47
N PRO A 4 20.44 -2.26 -2.19
CA PRO A 4 19.36 -1.33 -1.83
C PRO A 4 19.39 -0.08 -2.69
N PRO A 5 18.21 0.51 -2.96
CA PRO A 5 18.20 1.63 -3.90
C PRO A 5 18.80 2.91 -3.32
N VAL A 6 19.40 3.68 -4.21
CA VAL A 6 19.99 4.97 -3.89
C VAL A 6 18.91 6.05 -4.06
N ILE A 7 18.91 7.04 -3.15
CA ILE A 7 18.03 8.18 -3.31
C ILE A 7 18.78 9.41 -3.82
N ASP A 8 18.32 9.92 -4.96
CA ASP A 8 18.83 11.13 -5.60
C ASP A 8 17.82 12.23 -5.29
N ALA A 9 18.02 12.91 -4.15
CA ALA A 9 17.00 13.80 -3.62
C ALA A 9 16.56 14.95 -4.53
N GLY A 10 17.43 15.38 -5.44
CA GLY A 10 17.13 16.51 -6.30
C GLY A 10 16.44 16.14 -7.59
N ALA A 11 15.94 14.91 -7.69
CA ALA A 11 15.22 14.50 -8.89
C ALA A 11 13.68 14.53 -8.73
N VAL A 12 13.19 15.43 -7.88
CA VAL A 12 11.76 15.48 -7.54
C VAL A 12 10.94 15.88 -8.77
N PRO A 13 10.00 15.02 -9.20
CA PRO A 13 9.24 15.35 -10.43
C PRO A 13 8.29 16.52 -10.23
N PRO A 14 7.79 17.13 -11.32
CA PRO A 14 6.84 18.23 -11.14
C PRO A 14 5.51 17.74 -10.57
N ASP A 15 4.84 18.60 -9.81
CA ASP A 15 3.50 18.31 -9.29
C ASP A 15 2.43 18.44 -10.41
N GLU A 16 2.32 17.42 -11.26
CA GLU A 16 1.36 17.44 -12.37
C GLU A 16 0.62 16.12 -12.49
N THR A 17 -0.67 16.22 -12.81
CA THR A 17 -1.54 15.05 -12.93
C THR A 17 -1.50 14.53 -14.37
N GLY A 18 -2.13 13.40 -14.63
CA GLY A 18 -2.23 12.85 -15.98
C GLY A 18 -1.35 11.63 -16.16
N PRO A 19 -1.66 10.80 -17.17
CA PRO A 19 -0.87 9.57 -17.36
C PRO A 19 0.51 9.84 -17.97
N ASP A 20 1.39 8.84 -17.88
CA ASP A 20 2.74 8.93 -18.47
C ASP A 20 2.63 8.95 -20.01
N GLN A 21 1.80 8.07 -20.56
CA GLN A 21 1.47 8.07 -21.97
C GLN A 21 -0.04 7.91 -22.15
N PRO A 22 -0.60 8.48 -23.21
CA PRO A 22 -2.06 8.43 -23.41
C PRO A 22 -2.61 7.00 -23.33
N THR A 23 -3.80 6.87 -22.74
CA THR A 23 -4.40 5.57 -22.46
C THR A 23 -5.72 5.38 -23.20
N GLU A 24 -6.16 4.13 -23.28
CA GLU A 24 -7.46 3.77 -23.83
C GLU A 24 -7.96 2.55 -23.05
N GLN A 25 -9.22 2.20 -23.24
CA GLN A 25 -9.84 1.13 -22.49
C GLN A 25 -9.50 -0.25 -23.06
N ARG A 26 -9.23 -1.20 -22.17
CA ARG A 26 -8.93 -2.57 -22.56
C ARG A 26 -9.99 -3.54 -22.05
N LYS A 27 -10.57 -3.25 -20.89
CA LYS A 27 -11.59 -4.13 -20.29
C LYS A 27 -12.81 -3.30 -19.88
N ILE A 28 -13.98 -3.94 -19.85
CA ILE A 28 -15.19 -3.36 -19.26
C ILE A 28 -14.97 -3.03 -17.78
N CYS A 29 -15.57 -1.94 -17.29
CA CYS A 29 -15.51 -1.61 -15.86
C CYS A 29 -16.10 -2.71 -14.99
N ALA A 30 -15.48 -2.97 -13.84
CA ALA A 30 -15.83 -4.10 -12.97
C ALA A 30 -16.58 -3.63 -11.71
N THR A 31 -17.34 -4.54 -11.11
CA THR A 31 -18.15 -4.24 -9.93
C THR A 31 -17.92 -5.31 -8.87
N PRO A 32 -17.75 -4.91 -7.58
CA PRO A 32 -17.59 -5.93 -6.53
C PRO A 32 -18.89 -6.70 -6.33
N THR A 33 -18.78 -7.87 -5.72
CA THR A 33 -19.93 -8.74 -5.50
C THR A 33 -19.87 -9.36 -4.10
N VAL A 34 -20.68 -10.39 -3.85
CA VAL A 34 -20.66 -11.08 -2.56
C VAL A 34 -20.46 -12.57 -2.74
N MET A 35 -19.87 -13.24 -1.74
CA MET A 35 -19.78 -14.70 -1.73
C MET A 35 -21.12 -15.32 -1.29
N PRO A 36 -21.46 -16.49 -1.85
CA PRO A 36 -22.69 -17.18 -1.45
C PRO A 36 -22.82 -17.35 0.08
N ASN A 37 -24.02 -17.10 0.60
CA ASN A 37 -24.34 -17.29 2.02
C ASN A 37 -23.62 -16.39 3.02
N SER A 38 -23.08 -15.26 2.56
CA SER A 38 -22.41 -14.32 3.47
C SER A 38 -23.39 -13.76 4.50
N ASN A 39 -22.92 -13.60 5.72
CA ASN A 39 -23.68 -12.90 6.75
C ASN A 39 -22.90 -11.69 7.29
N PHE A 40 -23.21 -10.51 6.76
CA PHE A 40 -22.46 -9.30 7.07
C PHE A 40 -22.82 -8.68 8.40
N ALA A 41 -23.76 -9.32 9.11
CA ALA A 41 -24.09 -8.90 10.46
C ALA A 41 -22.93 -9.23 11.41
N ASP A 42 -22.19 -10.27 11.07
CA ASP A 42 -20.97 -10.67 11.83
C ASP A 42 -19.84 -9.67 11.59
N ARG A 43 -19.00 -9.44 12.59
CA ARG A 43 -17.72 -8.72 12.41
C ARG A 43 -16.85 -9.51 11.43
N PRO A 44 -16.21 -8.83 10.45
CA PRO A 44 -15.28 -9.54 9.57
C PRO A 44 -14.11 -10.09 10.40
N TRP A 45 -13.51 -11.19 9.96
CA TRP A 45 -12.46 -11.84 10.76
C TRP A 45 -11.30 -10.91 11.06
N ALA A 46 -10.94 -10.05 10.11
CA ALA A 46 -9.78 -9.15 10.33
C ALA A 46 -10.05 -8.17 11.46
N ASN A 47 -11.31 -7.75 11.61
CA ASN A 47 -11.70 -6.86 12.71
C ASN A 47 -11.50 -7.50 14.08
N ASP A 48 -11.84 -8.79 14.19
CA ASP A 48 -11.64 -9.52 15.46
C ASP A 48 -10.14 -9.77 15.67
N TYR A 49 -9.47 -10.28 14.65
CA TYR A 49 -8.04 -10.58 14.70
C TYR A 49 -7.21 -9.38 15.15
N LEU A 50 -7.49 -8.21 14.59
CA LEU A 50 -6.75 -6.99 14.87
C LEU A 50 -7.32 -6.19 16.03
N ARG A 51 -8.37 -6.72 16.67
CA ARG A 51 -9.05 -6.04 17.82
C ARG A 51 -9.38 -4.58 17.52
N ILE A 52 -10.02 -4.36 16.37
CA ILE A 52 -10.31 -3.01 15.89
C ILE A 52 -11.21 -2.24 16.86
N GLN A 53 -12.24 -2.92 17.38
CA GLN A 53 -13.16 -2.32 18.34
C GLN A 53 -12.43 -1.80 19.58
N GLU A 54 -11.52 -2.62 20.12
CA GLU A 54 -10.69 -2.19 21.25
C GLU A 54 -9.82 -1.00 20.86
N ALA A 55 -9.10 -1.15 19.75
CA ALA A 55 -8.23 -0.06 19.22
C ALA A 55 -8.95 1.29 19.10
N GLN A 56 -10.22 1.24 18.70
CA GLN A 56 -10.97 2.48 18.47
C GLN A 56 -11.43 3.18 19.75
N LYS A 57 -11.19 2.57 20.91
CA LYS A 57 -11.36 3.26 22.18
C LYS A 57 -10.27 4.30 22.41
N PHE A 58 -9.17 4.17 21.68
CA PHE A 58 -8.01 5.06 21.83
C PHE A 58 -7.87 6.10 20.72
N ALA A 59 -8.39 5.80 19.53
CA ALA A 59 -8.31 6.71 18.37
C ALA A 59 -9.28 6.27 17.27
N THR A 60 -9.73 7.23 16.46
CA THR A 60 -10.56 6.94 15.28
C THR A 60 -9.98 7.52 13.97
N GLY A 61 -8.86 8.24 14.08
CA GLY A 61 -8.27 8.92 12.91
C GLY A 61 -8.84 10.31 12.67
N ALA A 62 -9.60 10.84 13.62
CA ALA A 62 -10.15 12.20 13.54
C ALA A 62 -9.01 13.18 13.34
N GLY A 63 -9.18 14.07 12.37
CA GLY A 63 -8.19 15.11 12.09
C GLY A 63 -7.07 14.67 11.15
N VAL A 64 -7.13 13.44 10.66
CA VAL A 64 -6.06 12.90 9.82
C VAL A 64 -6.52 12.70 8.40
N THR A 65 -5.67 13.02 7.43
CA THR A 65 -5.98 12.85 6.01
C THR A 65 -5.13 11.74 5.43
N VAL A 66 -5.79 10.76 4.82
CA VAL A 66 -5.12 9.64 4.18
C VAL A 66 -5.34 9.68 2.68
N ALA A 67 -4.24 9.66 1.94
CA ALA A 67 -4.29 9.56 0.50
C ALA A 67 -4.26 8.10 0.08
N VAL A 68 -5.17 7.75 -0.80
CA VAL A 68 -5.26 6.38 -1.28
C VAL A 68 -4.81 6.40 -2.73
N ILE A 69 -3.62 5.86 -2.98
CA ILE A 69 -3.08 5.83 -4.36
C ILE A 69 -3.34 4.44 -4.91
N ASP A 70 -4.32 4.35 -5.81
CA ASP A 70 -4.91 3.05 -6.15
C ASP A 70 -5.65 3.17 -7.49
N THR A 71 -6.79 2.50 -7.64
CA THR A 71 -7.55 2.46 -8.89
C THR A 71 -8.71 3.47 -8.95
N GLY A 72 -8.68 4.48 -8.08
CA GLY A 72 -9.79 5.38 -7.92
C GLY A 72 -10.82 4.83 -6.94
N VAL A 73 -11.76 5.68 -6.54
CA VAL A 73 -12.80 5.35 -5.55
C VAL A 73 -14.16 5.85 -6.04
N ASN A 74 -15.13 4.96 -6.09
CA ASN A 74 -16.53 5.35 -6.27
C ASN A 74 -17.05 5.67 -4.88
N GLY A 75 -17.14 6.96 -4.57
CA GLY A 75 -17.45 7.41 -3.20
C GLY A 75 -18.89 7.19 -2.77
N SER A 76 -19.13 7.27 -1.46
CA SER A 76 -20.46 7.08 -0.83
C SER A 76 -20.39 7.69 0.55
N PRO A 77 -21.55 7.85 1.23
CA PRO A 77 -21.49 8.34 2.61
C PRO A 77 -20.63 7.48 3.55
N ARG A 78 -20.56 6.17 3.34
CA ARG A 78 -19.68 5.35 4.19
C ARG A 78 -18.21 5.34 3.73
N VAL A 79 -17.96 5.69 2.46
CA VAL A 79 -16.58 5.81 1.92
C VAL A 79 -16.47 7.18 1.25
N PRO A 80 -16.46 8.25 2.07
CA PRO A 80 -16.61 9.60 1.54
C PRO A 80 -15.30 10.20 1.04
N ALA A 81 -14.68 9.56 0.06
CA ALA A 81 -13.42 10.06 -0.49
C ALA A 81 -13.59 11.39 -1.22
N GLU A 82 -12.50 12.16 -1.25
CA GLU A 82 -12.45 13.44 -1.95
CA GLU A 82 -12.46 13.42 -1.97
C GLU A 82 -11.49 13.31 -3.15
N PRO A 83 -11.73 14.10 -4.23
CA PRO A 83 -10.86 13.91 -5.40
C PRO A 83 -9.39 14.34 -5.15
N GLY A 84 -8.46 13.51 -5.55
CA GLY A 84 -7.03 13.83 -5.37
C GLY A 84 -6.30 13.81 -6.70
N GLY A 85 -7.00 13.46 -7.78
CA GLY A 85 -6.43 13.55 -9.12
C GLY A 85 -6.36 12.21 -9.82
N ASP A 86 -6.17 12.27 -11.14
CA ASP A 86 -6.17 11.08 -11.96
C ASP A 86 -4.88 11.03 -12.76
N PHE A 87 -4.21 9.87 -12.74
CA PHE A 87 -2.90 9.67 -13.38
C PHE A 87 -3.02 8.55 -14.41
N VAL A 88 -4.25 8.13 -14.68
CA VAL A 88 -4.51 7.12 -15.70
C VAL A 88 -5.24 7.78 -16.89
N ASP A 89 -6.23 8.61 -16.59
CA ASP A 89 -7.03 9.27 -17.62
C ASP A 89 -6.66 10.74 -17.64
N ALA A 90 -6.39 11.28 -18.82
CA ALA A 90 -6.11 12.72 -18.95
C ALA A 90 -7.25 13.57 -18.39
N ALA A 91 -8.48 13.09 -18.54
CA ALA A 91 -9.64 13.76 -17.98
C ALA A 91 -10.20 12.88 -16.87
N GLY A 92 -10.08 13.32 -15.63
CA GLY A 92 -10.44 12.48 -14.47
C GLY A 92 -10.05 13.21 -13.21
N ASN A 93 -10.59 12.78 -12.06
CA ASN A 93 -10.25 13.44 -10.80
C ASN A 93 -9.94 12.47 -9.65
N GLY A 94 -9.86 11.18 -9.95
CA GLY A 94 -9.66 10.14 -8.93
C GLY A 94 -10.94 9.55 -8.34
N MET A 95 -12.11 10.08 -8.73
CA MET A 95 -13.36 9.62 -8.13
C MET A 95 -14.14 8.60 -8.95
N SER A 96 -13.45 7.91 -9.86
CA SER A 96 -14.05 6.84 -10.64
C SER A 96 -13.22 5.59 -10.51
N ASP A 97 -13.80 4.54 -9.96
CA ASP A 97 -13.14 3.26 -9.83
C ASP A 97 -13.73 2.31 -10.84
N CYS A 98 -12.94 2.01 -11.86
CA CYS A 98 -13.38 1.12 -12.94
C CYS A 98 -12.82 -0.30 -12.73
N ASP A 99 -12.15 -0.51 -11.59
CA ASP A 99 -11.45 -1.77 -11.35
C ASP A 99 -11.96 -2.60 -10.18
N ALA A 100 -12.91 -2.08 -9.40
CA ALA A 100 -13.38 -2.75 -8.19
C ALA A 100 -12.20 -3.07 -7.27
N HIS A 101 -11.51 -2.03 -6.85
CA HIS A 101 -10.34 -2.21 -6.02
C HIS A 101 -10.09 -1.07 -5.08
N GLY A 102 -9.80 0.11 -5.63
CA GLY A 102 -9.52 1.27 -4.80
C GLY A 102 -10.61 1.60 -3.81
N THR A 103 -11.87 1.37 -4.20
CA THR A 103 -13.00 1.65 -3.32
C THR A 103 -12.94 0.80 -2.05
N MET A 104 -12.63 -0.47 -2.20
CA MET A 104 -12.49 -1.40 -1.08
C MET A 104 -11.23 -1.13 -0.22
N THR A 105 -10.17 -0.65 -0.88
CA THR A 105 -8.94 -0.24 -0.17
C THR A 105 -9.26 0.89 0.79
N ALA A 106 -9.94 1.92 0.26
CA ALA A 106 -10.35 3.10 1.02
C ALA A 106 -11.30 2.75 2.18
N ALA A 107 -12.19 1.79 1.96
CA ALA A 107 -13.16 1.40 2.97
C ALA A 107 -12.47 0.66 4.13
N ILE A 108 -11.48 -0.18 3.81
CA ILE A 108 -10.67 -0.79 4.87
C ILE A 108 -9.99 0.28 5.75
N ILE A 109 -9.51 1.34 5.09
CA ILE A 109 -8.80 2.39 5.81
C ILE A 109 -9.77 3.18 6.66
N GLY A 110 -10.88 3.62 6.06
CA GLY A 110 -11.71 4.62 6.70
C GLY A 110 -13.21 4.45 6.58
N GLY A 111 -13.67 3.29 6.09
CA GLY A 111 -15.10 3.02 5.97
C GLY A 111 -15.87 3.29 7.26
N ARG A 112 -16.98 4.01 7.16
CA ARG A 112 -17.79 4.33 8.34
C ARG A 112 -18.59 3.09 8.79
N PRO A 113 -18.99 3.04 10.07
CA PRO A 113 -19.84 1.93 10.53
C PRO A 113 -21.30 2.13 10.06
N SER A 114 -22.13 1.09 10.26
CA SER A 114 -23.56 1.12 9.96
C SER A 114 -24.33 0.34 11.03
N PRO A 115 -25.58 0.78 11.32
CA PRO A 115 -26.45 0.02 12.23
C PRO A 115 -26.84 -1.36 11.70
N THR A 116 -26.69 -1.62 10.41
CA THR A 116 -27.23 -2.85 9.83
C THR A 116 -26.21 -3.90 9.40
N ASP A 117 -24.93 -3.65 9.66
CA ASP A 117 -23.89 -4.66 9.42
C ASP A 117 -22.72 -4.50 10.39
N GLY A 118 -21.82 -5.48 10.39
CA GLY A 118 -20.68 -5.44 11.29
C GLY A 118 -19.38 -4.90 10.70
N PHE A 119 -19.43 -4.31 9.49
CA PHE A 119 -18.19 -3.76 8.91
C PHE A 119 -17.89 -2.37 9.42
N VAL A 120 -16.63 -2.15 9.84
CA VAL A 120 -16.08 -0.82 10.02
C VAL A 120 -14.60 -0.82 9.59
N GLY A 121 -14.14 0.31 9.06
CA GLY A 121 -12.74 0.48 8.71
C GLY A 121 -11.89 0.72 9.97
N MET A 122 -10.58 0.65 9.81
CA MET A 122 -9.64 0.82 10.92
C MET A 122 -9.81 2.21 11.57
N ALA A 123 -9.97 3.23 10.74
CA ALA A 123 -10.01 4.62 11.19
C ALA A 123 -11.18 5.37 10.54
N PRO A 124 -12.41 5.17 11.07
CA PRO A 124 -13.65 5.66 10.45
C PRO A 124 -13.87 7.16 10.48
N ASP A 125 -13.00 7.92 11.16
CA ASP A 125 -13.10 9.38 11.15
C ASP A 125 -12.10 10.11 10.22
N VAL A 126 -11.26 9.37 9.48
CA VAL A 126 -10.26 10.03 8.62
C VAL A 126 -10.89 10.75 7.42
N ARG A 127 -10.21 11.77 6.91
CA ARG A 127 -10.51 12.31 5.58
C ARG A 127 -9.78 11.44 4.56
N LEU A 128 -10.49 10.99 3.53
CA LEU A 128 -9.90 10.17 2.47
C LEU A 128 -9.72 10.98 1.18
N LEU A 129 -8.53 10.87 0.58
CA LEU A 129 -8.27 11.48 -0.72
C LEU A 129 -7.95 10.39 -1.72
N SER A 130 -8.64 10.38 -2.85
CA SER A 130 -8.41 9.34 -3.87
C SER A 130 -7.60 9.82 -5.09
N LEU A 131 -6.47 9.18 -5.34
CA LEU A 131 -5.67 9.45 -6.53
C LEU A 131 -5.61 8.16 -7.34
N ARG A 132 -6.18 8.17 -8.54
CA ARG A 132 -6.13 7.00 -9.38
C ARG A 132 -4.80 7.03 -10.12
N GLN A 133 -3.99 6.00 -9.89
CA GLN A 133 -2.64 5.95 -10.46
C GLN A 133 -2.47 4.68 -11.26
N THR A 134 -3.34 3.70 -11.01
CA THR A 134 -3.20 2.43 -11.70
C THR A 134 -4.56 1.89 -12.13
N SER A 135 -4.58 1.07 -13.18
CA SER A 135 -5.82 0.46 -13.68
C SER A 135 -5.52 -0.67 -14.65
N VAL A 136 -6.31 -1.74 -14.59
CA VAL A 136 -6.22 -2.80 -15.57
C VAL A 136 -7.24 -2.59 -16.71
N ALA A 137 -8.30 -1.84 -16.42
CA ALA A 137 -9.32 -1.56 -17.43
C ALA A 137 -8.82 -0.55 -18.46
N PHE A 138 -7.97 0.37 -18.02
CA PHE A 138 -7.43 1.42 -18.87
C PHE A 138 -5.94 1.25 -18.97
N GLN A 139 -5.46 1.11 -20.20
CA GLN A 139 -4.06 0.77 -20.47
C GLN A 139 -3.42 1.70 -21.51
N PRO A 140 -2.13 2.05 -21.33
CA PRO A 140 -1.40 2.81 -22.34
C PRO A 140 -1.60 2.20 -23.71
N LYS A 141 -1.79 3.04 -24.72
CA LYS A 141 -2.39 2.60 -25.99
C LYS A 141 -1.42 2.17 -27.10
N GLY A 142 -0.88 3.13 -27.84
CA GLY A 142 -0.10 2.88 -29.06
C GLY A 142 1.16 2.04 -28.88
N ALA A 143 1.79 1.71 -30.00
CA ALA A 143 3.01 0.89 -30.01
C ALA A 143 4.17 1.57 -29.30
N ARG A 144 4.98 0.79 -28.60
CA ARG A 144 6.18 1.27 -27.91
C ARG A 144 7.21 1.83 -28.91
N GLN A 145 7.61 3.09 -28.69
CA GLN A 145 8.58 3.78 -29.55
C GLN A 145 9.84 2.93 -29.80
N ASP A 146 10.46 2.43 -28.72
CA ASP A 146 11.60 1.52 -28.78
C ASP A 146 11.34 0.30 -27.87
N PRO A 147 11.07 -0.88 -28.47
CA PRO A 147 10.67 -2.08 -27.70
C PRO A 147 11.75 -2.73 -26.84
N ASN A 148 12.92 -2.10 -26.74
CA ASN A 148 14.04 -2.64 -25.93
C ASN A 148 14.40 -1.77 -24.74
N ASP A 149 14.25 -0.45 -24.89
CA ASP A 149 14.52 0.50 -23.84
C ASP A 149 13.62 0.19 -22.64
N PRO A 150 14.24 -0.16 -21.50
CA PRO A 150 13.47 -0.53 -20.31
C PRO A 150 12.59 0.62 -19.81
N ASN A 151 13.02 1.85 -20.07
CA ASN A 151 12.28 3.05 -19.65
C ASN A 151 11.04 3.39 -20.49
N THR A 152 10.73 2.57 -21.49
CA THR A 152 9.52 2.76 -22.32
C THR A 152 8.50 1.66 -22.04
N THR A 153 8.85 0.76 -21.12
CA THR A 153 7.96 -0.27 -20.61
C THR A 153 6.76 0.37 -19.88
N GLN A 154 5.65 -0.38 -19.75
CA GLN A 154 4.50 0.06 -18.93
C GLN A 154 4.88 0.23 -17.45
N THR A 155 5.66 -0.73 -16.94
CA THR A 155 6.21 -0.66 -15.58
C THR A 155 6.89 0.69 -15.33
N ALA A 156 7.78 1.09 -16.23
CA ALA A 156 8.50 2.34 -16.07
C ALA A 156 7.57 3.54 -16.11
N GLY A 157 6.61 3.51 -17.05
CA GLY A 157 5.59 4.56 -17.12
C GLY A 157 4.82 4.64 -15.81
N SER A 158 4.46 3.48 -15.28
CA SER A 158 3.76 3.41 -14.02
C SER A 158 4.60 3.99 -12.86
N ILE A 159 5.89 3.63 -12.81
CA ILE A 159 6.83 4.21 -11.85
C ILE A 159 6.91 5.74 -11.92
N ARG A 160 7.03 6.28 -13.12
CA ARG A 160 7.10 7.73 -13.28
C ARG A 160 5.81 8.44 -12.89
N SER A 161 4.66 7.84 -13.21
CA SER A 161 3.39 8.48 -12.79
C SER A 161 3.19 8.36 -11.29
N LEU A 162 3.61 7.23 -10.70
CA LEU A 162 3.54 7.07 -9.24
C LEU A 162 4.29 8.19 -8.52
N ALA A 163 5.50 8.47 -8.99
CA ALA A 163 6.33 9.54 -8.43
C ALA A 163 5.60 10.87 -8.38
N ARG A 164 4.93 11.22 -9.46
CA ARG A 164 4.14 12.44 -9.53
C ARG A 164 2.99 12.40 -8.54
N SER A 165 2.30 11.26 -8.49
CA SER A 165 1.15 11.09 -7.54
C SER A 165 1.56 11.26 -6.07
N VAL A 166 2.76 10.80 -5.73
CA VAL A 166 3.30 10.95 -4.37
C VAL A 166 3.56 12.42 -4.04
N VAL A 167 4.20 13.15 -4.95
CA VAL A 167 4.41 14.59 -4.74
C VAL A 167 3.07 15.29 -4.58
N HIS A 168 2.13 14.95 -5.45
CA HIS A 168 0.79 15.54 -5.44
C HIS A 168 0.05 15.29 -4.15
N ALA A 169 0.04 14.04 -3.69
CA ALA A 169 -0.63 13.66 -2.44
C ALA A 169 -0.04 14.44 -1.28
N ALA A 170 1.29 14.49 -1.25
CA ALA A 170 1.99 15.23 -0.19
C ALA A 170 1.62 16.72 -0.21
N ASN A 171 1.63 17.31 -1.39
CA ASN A 171 1.24 18.72 -1.53
C ASN A 171 -0.22 18.97 -1.22
N LEU A 172 -1.05 17.95 -1.44
CA LEU A 172 -2.44 18.06 -1.02
C LEU A 172 -2.63 18.04 0.50
N GLY A 173 -1.59 17.68 1.24
CA GLY A 173 -1.63 17.70 2.70
C GLY A 173 -1.94 16.36 3.35
N ALA A 174 -1.74 15.28 2.61
CA ALA A 174 -1.90 13.95 3.16
C ALA A 174 -0.84 13.66 4.24
N GLN A 175 -1.29 13.12 5.38
CA GLN A 175 -0.38 12.72 6.45
C GLN A 175 0.00 11.24 6.40
N VAL A 176 -0.84 10.46 5.71
CA VAL A 176 -0.62 9.04 5.47
C VAL A 176 -0.93 8.82 4.00
N ILE A 177 -0.09 8.04 3.33
CA ILE A 177 -0.27 7.77 1.92
C ILE A 177 -0.16 6.27 1.71
N ASN A 178 -1.23 5.65 1.25
CA ASN A 178 -1.25 4.21 0.96
C ASN A 178 -0.99 3.99 -0.51
N ILE A 179 -0.01 3.17 -0.84
CA ILE A 179 0.31 2.90 -2.24
C ILE A 179 0.07 1.43 -2.58
N SER A 180 -0.89 1.20 -3.50
CA SER A 180 -1.27 -0.15 -3.88
C SER A 180 -0.35 -0.73 -4.95
N GLU A 181 0.23 0.16 -5.75
CA GLU A 181 1.12 -0.28 -6.83
C GLU A 181 2.36 -1.00 -6.28
N ALA A 182 2.69 -2.10 -6.93
CA ALA A 182 3.92 -2.82 -6.69
C ALA A 182 4.47 -3.12 -8.08
N ALA A 183 5.35 -2.26 -8.55
CA ALA A 183 5.94 -2.41 -9.89
C ALA A 183 7.12 -3.39 -9.82
N CYS A 184 7.03 -4.47 -10.60
CA CYS A 184 7.97 -5.58 -10.57
C CYS A 184 8.78 -5.67 -11.85
N TYR A 185 10.07 -5.89 -11.72
CA TYR A 185 10.96 -6.07 -12.87
C TYR A 185 12.23 -6.84 -12.49
N LYS A 186 12.81 -7.51 -13.49
CA LYS A 186 14.01 -8.30 -13.31
C LYS A 186 15.20 -7.42 -12.94
N VAL A 187 16.07 -7.97 -12.10
CA VAL A 187 17.30 -7.28 -11.69
C VAL A 187 18.19 -6.92 -12.88
N THR A 188 18.07 -7.66 -13.97
CA THR A 188 18.83 -7.35 -15.19
C THR A 188 18.28 -6.12 -15.92
N ARG A 189 16.96 -5.96 -15.92
CA ARG A 189 16.32 -4.81 -16.55
C ARG A 189 16.29 -3.61 -15.62
N ARG A 190 17.24 -2.69 -15.80
CA ARG A 190 17.32 -1.50 -14.96
C ARG A 190 16.42 -0.37 -15.46
N ILE A 191 15.52 0.08 -14.60
CA ILE A 191 14.64 1.20 -14.90
C ILE A 191 15.13 2.42 -14.13
N ASP A 192 15.11 3.59 -14.76
CA ASP A 192 15.45 4.82 -14.05
C ASP A 192 14.30 5.22 -13.10
N GLU A 193 14.51 4.95 -11.82
CA GLU A 193 13.53 5.18 -10.75
C GLU A 193 13.84 6.40 -9.94
N THR A 194 14.80 7.22 -10.40
CA THR A 194 15.30 8.30 -9.57
C THR A 194 14.22 9.31 -9.17
N SER A 195 13.20 9.49 -10.01
CA SER A 195 12.15 10.45 -9.68
C SER A 195 11.27 9.90 -8.55
N LEU A 196 11.07 8.58 -8.52
CA LEU A 196 10.28 7.94 -7.46
C LEU A 196 10.97 8.02 -6.10
N GLY A 197 12.26 7.67 -6.06
CA GLY A 197 13.05 7.81 -4.84
C GLY A 197 13.04 9.24 -4.35
N ALA A 198 13.17 10.20 -5.28
CA ALA A 198 13.13 11.62 -4.89
C ALA A 198 11.74 12.05 -4.38
N ALA A 199 10.68 11.58 -5.03
CA ALA A 199 9.31 11.93 -4.60
C ALA A 199 9.01 11.40 -3.18
N ILE A 200 9.43 10.16 -2.93
CA ILE A 200 9.28 9.55 -1.59
C ILE A 200 10.01 10.35 -0.49
N ASN A 201 11.28 10.67 -0.74
CA ASN A 201 12.06 11.50 0.16
C ASN A 201 11.41 12.85 0.39
N TYR A 202 10.92 13.46 -0.69
CA TYR A 202 10.17 14.70 -0.59
C TYR A 202 8.92 14.56 0.31
N ALA A 203 8.08 13.58 0.00
CA ALA A 203 6.85 13.38 0.77
C ALA A 203 7.13 13.04 2.26
N VAL A 204 8.14 12.21 2.50
CA VAL A 204 8.43 11.77 3.88
C VAL A 204 9.25 12.82 4.62
N ASN A 205 10.41 13.17 4.09
CA ASN A 205 11.36 13.99 4.81
C ASN A 205 11.13 15.50 4.75
N VAL A 206 10.50 15.97 3.66
CA VAL A 206 10.16 17.39 3.53
C VAL A 206 8.73 17.66 4.00
N LYS A 207 7.76 16.86 3.55
CA LYS A 207 6.36 17.12 3.90
C LYS A 207 5.82 16.35 5.12
N GLY A 208 6.57 15.38 5.64
CA GLY A 208 6.19 14.73 6.89
C GLY A 208 5.06 13.69 6.79
N ALA A 209 4.99 12.98 5.68
CA ALA A 209 3.94 11.96 5.46
C ALA A 209 4.46 10.55 5.69
N VAL A 210 3.67 9.73 6.38
CA VAL A 210 3.92 8.27 6.46
C VAL A 210 3.48 7.62 5.15
N ILE A 211 4.34 6.81 4.55
CA ILE A 211 3.99 6.10 3.32
C ILE A 211 4.00 4.61 3.56
N VAL A 212 2.89 3.95 3.25
CA VAL A 212 2.69 2.52 3.42
C VAL A 212 2.46 1.93 2.05
N VAL A 213 3.22 0.88 1.71
CA VAL A 213 3.13 0.31 0.38
C VAL A 213 2.86 -1.20 0.42
N ALA A 214 2.17 -1.70 -0.60
CA ALA A 214 1.95 -3.13 -0.78
C ALA A 214 3.25 -3.86 -1.07
N ALA A 215 3.43 -5.04 -0.49
CA ALA A 215 4.60 -5.89 -0.84
C ALA A 215 4.52 -6.42 -2.27
N GLY A 216 3.29 -6.52 -2.79
CA GLY A 216 3.05 -7.07 -4.13
C GLY A 216 2.55 -8.49 -4.09
N ASN A 217 1.83 -8.89 -5.14
CA ASN A 217 1.27 -10.23 -5.25
C ASN A 217 1.99 -10.96 -6.38
N THR A 218 2.30 -12.23 -6.20
CA THR A 218 2.89 -12.99 -7.30
C THR A 218 1.90 -13.04 -8.47
N GLY A 219 2.42 -13.12 -9.68
CA GLY A 219 1.58 -13.16 -10.86
C GLY A 219 2.46 -13.34 -12.05
N GLN A 220 2.06 -12.79 -13.19
CA GLN A 220 2.83 -12.90 -14.42
C GLN A 220 4.08 -12.04 -14.35
N ASP A 221 3.92 -10.81 -13.89
CA ASP A 221 5.04 -9.86 -13.77
C ASP A 221 5.94 -10.10 -12.55
N CYS A 222 5.34 -10.47 -11.42
CA CYS A 222 6.11 -10.67 -10.19
C CYS A 222 6.36 -12.14 -9.91
N SER A 223 7.56 -12.60 -10.21
CA SER A 223 8.02 -13.92 -9.79
C SER A 223 8.52 -13.83 -8.36
N GLN A 224 8.14 -14.81 -7.55
CA GLN A 224 8.55 -14.87 -6.15
C GLN A 224 10.07 -14.85 -6.04
N ASN A 225 10.58 -14.11 -5.06
CA ASN A 225 12.01 -14.10 -4.77
C ASN A 225 12.38 -15.30 -3.92
N PRO A 226 13.55 -15.91 -4.19
CA PRO A 226 14.08 -16.97 -3.33
C PRO A 226 14.36 -16.48 -1.90
N PRO A 227 14.33 -17.40 -0.92
CA PRO A 227 14.68 -17.04 0.45
C PRO A 227 16.16 -16.75 0.60
N PRO A 228 16.57 -16.06 1.69
CA PRO A 228 17.98 -15.86 1.96
C PRO A 228 18.73 -17.21 2.03
N ASP A 229 19.98 -17.21 1.57
CA ASP A 229 20.83 -18.39 1.62
C ASP A 229 21.47 -18.48 3.01
N PRO A 230 21.18 -19.56 3.76
CA PRO A 230 21.78 -19.75 5.10
C PRO A 230 23.32 -19.80 5.09
N SER A 231 23.90 -20.18 3.96
CA SER A 231 25.35 -20.31 3.84
C SER A 231 26.06 -18.97 3.99
N VAL A 232 25.39 -17.90 3.55
CA VAL A 232 25.97 -16.56 3.61
C VAL A 232 25.27 -15.86 4.77
N PRO A 233 25.97 -15.74 5.89
CA PRO A 233 25.49 -14.96 7.03
C PRO A 233 25.85 -13.47 6.97
N SER A 234 26.65 -13.05 5.98
CA SER A 234 26.88 -11.62 5.75
C SER A 234 25.78 -10.96 4.91
N ASP A 235 24.85 -11.78 4.43
CA ASP A 235 23.69 -11.29 3.66
C ASP A 235 22.44 -12.04 4.14
N PRO A 236 22.00 -11.74 5.39
CA PRO A 236 20.95 -12.54 6.00
C PRO A 236 19.53 -12.24 5.48
N ARG A 237 19.33 -11.09 4.84
CA ARG A 237 18.04 -10.81 4.17
C ARG A 237 18.06 -11.23 2.69
N GLY A 238 19.20 -11.74 2.22
CA GLY A 238 19.29 -12.27 0.85
C GLY A 238 19.22 -11.29 -0.31
N TRP A 239 19.81 -10.10 -0.17
CA TRP A 239 19.95 -9.16 -1.28
C TRP A 239 20.58 -9.76 -2.51
N ARG A 240 21.53 -10.67 -2.29
CA ARG A 240 22.23 -11.34 -3.37
C ARG A 240 21.38 -12.43 -4.04
N GLU A 241 20.25 -12.78 -3.43
CA GLU A 241 19.33 -13.78 -3.99
C GLU A 241 18.20 -13.17 -4.81
N VAL A 242 18.01 -11.86 -4.70
CA VAL A 242 16.85 -11.19 -5.32
C VAL A 242 16.88 -11.32 -6.84
N GLN A 243 15.75 -11.74 -7.41
CA GLN A 243 15.62 -11.84 -8.86
C GLN A 243 14.56 -10.86 -9.38
N THR A 244 13.69 -10.40 -8.49
CA THR A 244 12.64 -9.46 -8.84
C THR A 244 12.70 -8.26 -7.93
N ILE A 245 12.94 -7.09 -8.52
CA ILE A 245 12.83 -5.84 -7.80
C ILE A 245 11.33 -5.48 -7.72
N VAL A 246 10.90 -5.04 -6.54
CA VAL A 246 9.53 -4.54 -6.36
C VAL A 246 9.62 -3.13 -5.81
N SER A 247 9.02 -2.19 -6.53
CA SER A 247 9.07 -0.78 -6.18
C SER A 247 7.66 -0.19 -6.15
N PRO A 248 7.35 0.68 -5.17
CA PRO A 248 8.25 1.28 -4.18
C PRO A 248 8.60 0.43 -2.95
N ALA A 249 8.18 -0.84 -2.96
CA ALA A 249 8.45 -1.73 -1.82
C ALA A 249 9.91 -1.65 -1.34
N TRP A 250 10.84 -1.57 -2.28
CA TRP A 250 12.26 -1.62 -1.91
C TRP A 250 12.85 -0.35 -1.32
N TYR A 251 12.05 0.70 -1.13
CA TYR A 251 12.54 1.89 -0.41
C TYR A 251 12.44 1.80 1.12
N ASP A 252 11.99 0.66 1.62
CA ASP A 252 12.07 0.35 3.06
C ASP A 252 13.46 0.74 3.62
N PRO A 253 13.52 1.41 4.79
CA PRO A 253 12.47 1.76 5.74
C PRO A 253 11.94 3.18 5.63
N LEU A 254 12.28 3.89 4.55
CA LEU A 254 11.67 5.18 4.28
C LEU A 254 10.15 5.01 4.10
N VAL A 255 9.76 3.96 3.38
CA VAL A 255 8.37 3.50 3.35
C VAL A 255 8.21 2.27 4.26
N LEU A 256 6.98 1.96 4.65
CA LEU A 256 6.66 0.69 5.33
C LEU A 256 5.99 -0.26 4.36
N THR A 257 6.67 -1.37 4.06
CA THR A 257 6.21 -2.33 3.05
C THR A 257 5.49 -3.49 3.73
N VAL A 258 4.24 -3.72 3.29
CA VAL A 258 3.33 -4.63 3.99
C VAL A 258 2.96 -5.87 3.19
N GLY A 259 3.26 -7.03 3.78
CA GLY A 259 2.90 -8.32 3.18
C GLY A 259 1.57 -8.83 3.72
N SER A 260 1.11 -9.95 3.20
CA SER A 260 -0.21 -10.48 3.57
C SER A 260 -0.16 -11.76 4.43
N ILE A 261 -1.04 -11.82 5.44
CA ILE A 261 -1.33 -13.09 6.15
C ILE A 261 -2.79 -13.56 5.96
N GLY A 262 -2.99 -14.87 6.13
CA GLY A 262 -4.31 -15.47 6.06
C GLY A 262 -4.95 -15.62 7.44
N GLN A 263 -6.16 -16.20 7.45
CA GLN A 263 -6.94 -16.41 8.68
C GLN A 263 -6.19 -17.15 9.78
N ASN A 264 -5.32 -18.08 9.39
CA ASN A 264 -4.50 -18.83 10.34
C ASN A 264 -3.24 -18.09 10.80
N GLY A 265 -3.08 -16.84 10.37
CA GLY A 265 -1.94 -16.02 10.79
C GLY A 265 -0.65 -16.28 10.02
N GLN A 266 -0.69 -17.20 9.07
CA GLN A 266 0.50 -17.53 8.29
C GLN A 266 0.60 -16.66 7.03
N PRO A 267 1.84 -16.40 6.56
CA PRO A 267 2.06 -15.63 5.33
C PRO A 267 1.30 -16.22 4.14
N SER A 268 0.69 -15.36 3.32
CA SER A 268 -0.04 -15.83 2.14
C SER A 268 0.90 -16.27 1.04
N ASN A 269 0.52 -17.35 0.36
CA ASN A 269 1.30 -17.88 -0.77
C ASN A 269 1.56 -16.87 -1.88
N PHE A 270 0.68 -15.89 -2.05
CA PHE A 270 0.78 -14.93 -3.16
C PHE A 270 1.60 -13.66 -2.80
N SER A 271 1.93 -13.48 -1.52
CA SER A 271 2.62 -12.27 -1.03
C SER A 271 4.07 -12.25 -1.50
N MET A 272 4.50 -11.17 -2.18
CA MET A 272 5.88 -11.11 -2.66
C MET A 272 6.88 -10.98 -1.51
N SER A 273 7.88 -11.86 -1.48
CA SER A 273 8.91 -11.78 -0.45
C SER A 273 10.12 -10.98 -0.91
N GLY A 274 10.88 -10.47 0.06
CA GLY A 274 12.10 -9.73 -0.24
C GLY A 274 12.72 -9.11 0.99
N PRO A 275 13.96 -8.59 0.86
CA PRO A 275 14.71 -7.98 1.95
C PRO A 275 14.12 -6.67 2.46
N TRP A 276 13.10 -6.14 1.79
CA TRP A 276 12.52 -4.84 2.09
C TRP A 276 11.17 -4.94 2.79
N VAL A 277 10.63 -6.14 2.97
CA VAL A 277 9.30 -6.28 3.60
C VAL A 277 9.42 -5.88 5.07
N GLY A 278 8.48 -5.08 5.56
CA GLY A 278 8.61 -4.52 6.90
C GLY A 278 7.56 -4.91 7.93
N ALA A 279 6.36 -5.25 7.48
CA ALA A 279 5.28 -5.68 8.38
C ALA A 279 4.28 -6.51 7.60
N ALA A 280 3.24 -6.98 8.28
CA ALA A 280 2.19 -7.76 7.63
C ALA A 280 0.82 -7.50 8.25
N ALA A 281 -0.23 -7.82 7.48
CA ALA A 281 -1.61 -7.63 7.91
C ALA A 281 -2.58 -8.56 7.14
N PRO A 282 -3.78 -8.79 7.69
CA PRO A 282 -4.76 -9.63 7.01
C PRO A 282 -4.89 -9.23 5.55
N GLY A 283 -4.89 -10.22 4.67
CA GLY A 283 -4.94 -9.98 3.24
C GLY A 283 -5.70 -11.07 2.49
N GLU A 284 -6.45 -11.88 3.24
CA GLU A 284 -7.22 -12.99 2.63
C GLU A 284 -8.67 -13.01 3.07
N ASN A 285 -9.57 -13.38 2.14
CA ASN A 285 -11.01 -13.54 2.45
C ASN A 285 -11.54 -12.34 3.22
N LEU A 286 -11.24 -11.14 2.76
CA LEU A 286 -11.62 -9.93 3.50
C LEU A 286 -13.02 -9.49 3.18
N THR A 287 -13.56 -8.64 4.05
CA THR A 287 -14.78 -7.92 3.78
C THR A 287 -14.46 -6.44 3.64
N SER A 288 -15.11 -5.79 2.67
CA SER A 288 -14.98 -4.35 2.47
C SER A 288 -16.27 -3.82 1.87
N LEU A 289 -16.30 -2.51 1.59
CA LEU A 289 -17.52 -1.82 1.15
C LEU A 289 -17.44 -1.54 -0.34
N GLY A 290 -18.60 -1.57 -0.99
CA GLY A 290 -18.67 -1.44 -2.44
C GLY A 290 -19.01 -0.03 -2.89
N TYR A 291 -19.46 0.08 -4.14
CA TYR A 291 -19.71 1.39 -4.75
C TYR A 291 -20.83 2.19 -4.08
N ASP A 292 -21.74 1.53 -3.40
CA ASP A 292 -22.81 2.23 -2.68
C ASP A 292 -22.53 2.28 -1.18
N GLY A 293 -21.36 1.79 -0.77
CA GLY A 293 -21.01 1.77 0.65
C GLY A 293 -21.67 0.62 1.38
N GLN A 294 -22.12 -0.36 0.62
CA GLN A 294 -22.70 -1.59 1.15
C GLN A 294 -21.59 -2.64 1.24
N PRO A 295 -21.71 -3.60 2.17
CA PRO A 295 -20.67 -4.62 2.31
C PRO A 295 -20.53 -5.51 1.09
N VAL A 296 -19.28 -5.86 0.78
CA VAL A 296 -18.97 -6.77 -0.32
C VAL A 296 -17.64 -7.48 -0.03
N ASN A 297 -17.58 -8.78 -0.33
CA ASN A 297 -16.39 -9.58 -0.03
C ASN A 297 -15.83 -10.36 -1.21
N ALA A 298 -16.24 -9.99 -2.42
CA ALA A 298 -15.81 -10.68 -3.62
C ALA A 298 -15.76 -9.76 -4.83
N THR A 299 -15.07 -10.22 -5.86
CA THR A 299 -15.19 -9.63 -7.19
C THR A 299 -15.53 -10.79 -8.14
N PRO A 300 -16.13 -10.48 -9.31
CA PRO A 300 -16.50 -11.53 -10.26
C PRO A 300 -15.27 -12.25 -10.83
N GLY A 301 -15.41 -13.55 -11.07
CA GLY A 301 -14.36 -14.34 -11.71
C GLY A 301 -14.96 -15.32 -12.69
N GLU A 302 -14.11 -15.97 -13.48
CA GLU A 302 -14.54 -16.84 -14.57
C GLU A 302 -15.44 -18.01 -14.12
N ASP A 303 -15.10 -18.61 -12.99
CA ASP A 303 -15.90 -19.70 -12.43
C ASP A 303 -16.69 -19.26 -11.19
N GLY A 304 -17.05 -17.97 -11.14
CA GLY A 304 -17.81 -17.44 -10.00
C GLY A 304 -17.00 -16.44 -9.17
N PRO A 305 -17.59 -15.97 -8.06
CA PRO A 305 -17.01 -14.89 -7.25
C PRO A 305 -15.71 -15.31 -6.55
N VAL A 306 -14.72 -14.43 -6.60
CA VAL A 306 -13.42 -14.66 -5.97
C VAL A 306 -13.30 -13.78 -4.72
N PRO A 307 -12.89 -14.36 -3.58
CA PRO A 307 -12.74 -13.60 -2.33
C PRO A 307 -11.79 -12.41 -2.48
N LEU A 308 -11.98 -11.38 -1.65
CA LEU A 308 -11.07 -10.22 -1.67
C LEU A 308 -9.73 -10.63 -1.04
N ASN A 309 -8.71 -10.72 -1.87
CA ASN A 309 -7.35 -11.07 -1.41
C ASN A 309 -6.35 -10.03 -1.92
N GLY A 310 -5.29 -9.77 -1.16
CA GLY A 310 -4.14 -9.04 -1.72
C GLY A 310 -3.39 -8.13 -0.76
N THR A 311 -2.12 -7.89 -1.10
CA THR A 311 -1.23 -7.02 -0.30
C THR A 311 -1.62 -5.56 -0.21
N SER A 312 -2.32 -5.03 -1.23
CA SER A 312 -2.88 -3.67 -1.16
C SER A 312 -3.84 -3.51 0.01
N PHE A 313 -4.63 -4.56 0.25
CA PHE A 313 -5.56 -4.59 1.37
C PHE A 313 -4.84 -4.71 2.72
N SER A 314 -3.80 -5.55 2.77
CA SER A 314 -2.94 -5.61 3.97
C SER A 314 -2.34 -4.24 4.27
N ALA A 315 -1.82 -3.59 3.21
CA ALA A 315 -1.29 -2.22 3.34
C ALA A 315 -2.35 -1.25 3.85
N ALA A 316 -3.60 -1.37 3.36
CA ALA A 316 -4.70 -0.53 3.84
C ALA A 316 -4.92 -0.63 5.37
N TYR A 317 -4.88 -1.84 5.91
CA TYR A 317 -5.02 -1.96 7.37
C TYR A 317 -3.94 -1.20 8.12
N VAL A 318 -2.71 -1.27 7.61
CA VAL A 318 -1.55 -0.62 8.24
C VAL A 318 -1.63 0.91 8.07
N SER A 319 -2.08 1.36 6.89
CA SER A 319 -2.37 2.80 6.70
C SER A 319 -3.42 3.27 7.68
N GLY A 320 -4.49 2.49 7.84
CA GLY A 320 -5.49 2.83 8.88
C GLY A 320 -4.86 2.93 10.26
N LEU A 321 -3.98 1.99 10.59
CA LEU A 321 -3.33 2.03 11.92
C LEU A 321 -2.46 3.30 12.05
N ALA A 322 -1.71 3.61 11.00
CA ALA A 322 -0.86 4.82 11.03
C ALA A 322 -1.69 6.08 11.34
N ALA A 323 -2.90 6.13 10.78
CA ALA A 323 -3.82 7.25 11.06
C ALA A 323 -4.28 7.28 12.53
N LEU A 324 -4.63 6.11 13.06
CA LEU A 324 -4.91 6.01 14.50
C LEU A 324 -3.74 6.53 15.35
N VAL A 325 -2.54 6.05 15.02
CA VAL A 325 -1.32 6.47 15.73
C VAL A 325 -1.11 7.98 15.59
N LYS A 326 -1.33 8.50 14.38
CA LYS A 326 -1.16 9.93 14.11
C LYS A 326 -2.11 10.80 14.97
N GLN A 327 -3.36 10.37 15.12
CA GLN A 327 -4.28 11.09 16.00
C GLN A 327 -3.85 10.98 17.47
N ARG A 328 -3.51 9.78 17.91
CA ARG A 328 -3.17 9.57 19.31
C ARG A 328 -1.86 10.24 19.71
N PHE A 329 -0.84 10.13 18.85
CA PHE A 329 0.46 10.76 19.11
C PHE A 329 0.84 11.75 18.01
N PRO A 330 0.24 12.95 18.04
CA PRO A 330 0.36 13.85 16.89
C PRO A 330 1.74 14.47 16.71
N ASP A 331 2.63 14.31 17.69
CA ASP A 331 3.99 14.87 17.60
C ASP A 331 4.97 13.95 16.90
N LEU A 332 4.59 12.68 16.73
CA LEU A 332 5.48 11.71 16.12
C LEU A 332 5.68 12.02 14.65
N THR A 333 6.90 11.82 14.17
CA THR A 333 7.24 12.03 12.76
C THR A 333 6.92 10.72 12.04
N PRO A 334 6.93 10.74 10.68
CA PRO A 334 6.73 9.49 9.95
C PRO A 334 7.64 8.33 10.39
N ALA A 335 8.93 8.58 10.56
CA ALA A 335 9.85 7.54 11.03
C ALA A 335 9.40 6.97 12.38
N GLN A 336 8.98 7.85 13.28
CA GLN A 336 8.58 7.45 14.62
C GLN A 336 7.25 6.71 14.65
N ILE A 337 6.34 7.06 13.73
CA ILE A 337 5.08 6.33 13.58
C ILE A 337 5.36 4.90 13.06
N ILE A 338 6.17 4.78 12.02
CA ILE A 338 6.59 3.48 11.50
C ILE A 338 7.29 2.63 12.57
N ASN A 339 8.15 3.26 13.37
CA ASN A 339 8.89 2.55 14.43
C ASN A 339 7.93 1.94 15.45
N ARG A 340 6.98 2.74 15.89
CA ARG A 340 5.94 2.33 16.81
C ARG A 340 5.10 1.13 16.28
N ILE A 341 4.76 1.17 15.00
CA ILE A 341 4.01 0.09 14.37
C ILE A 341 4.84 -1.21 14.27
N THR A 342 6.10 -1.10 13.86
CA THR A 342 6.93 -2.28 13.69
C THR A 342 7.43 -2.86 15.03
N ALA A 343 7.66 -2.00 16.02
CA ALA A 343 8.17 -2.39 17.33
C ALA A 343 7.13 -3.15 18.14
N THR A 344 5.86 -2.82 17.95
CA THR A 344 4.79 -3.46 18.69
C THR A 344 4.14 -4.61 17.93
N ALA A 345 4.67 -4.92 16.76
CA ALA A 345 4.14 -6.00 15.95
C ALA A 345 4.47 -7.36 16.54
N ARG A 346 3.78 -8.37 16.05
CA ARG A 346 3.98 -9.75 16.44
C ARG A 346 5.12 -10.32 15.61
N HIS A 347 6.33 -10.33 16.19
CA HIS A 347 7.55 -10.64 15.43
C HIS A 347 7.61 -12.10 15.07
N PRO A 348 8.12 -12.42 13.86
CA PRO A 348 8.26 -13.83 13.52
C PRO A 348 9.56 -14.41 14.11
N GLY A 349 9.76 -15.72 13.97
CA GLY A 349 11.06 -16.33 14.32
C GLY A 349 12.18 -15.59 13.62
N GLY A 350 13.25 -15.32 14.33
CA GLY A 350 14.39 -14.60 13.76
C GLY A 350 14.24 -13.10 13.85
N GLY A 351 13.15 -12.63 14.47
CA GLY A 351 12.90 -11.21 14.63
C GLY A 351 12.33 -10.50 13.40
N VAL A 352 12.96 -10.67 12.25
CA VAL A 352 12.52 -10.06 10.99
C VAL A 352 12.70 -11.13 9.92
N ASP A 353 11.76 -11.23 9.00
CA ASP A 353 11.97 -12.11 7.83
C ASP A 353 11.47 -11.49 6.52
N ASN A 354 11.67 -12.18 5.42
CA ASN A 354 11.36 -11.66 4.10
C ASN A 354 9.86 -11.77 3.68
N TYR A 355 9.03 -12.34 4.55
CA TYR A 355 7.62 -12.61 4.26
C TYR A 355 6.70 -11.69 5.02
N VAL A 356 6.99 -11.48 6.31
CA VAL A 356 6.17 -10.63 7.18
C VAL A 356 6.95 -9.45 7.76
N GLY A 357 8.22 -9.31 7.36
CA GLY A 357 9.06 -8.27 7.94
C GLY A 357 9.15 -8.43 9.45
N ALA A 358 8.93 -7.33 10.17
CA ALA A 358 8.85 -7.31 11.62
C ALA A 358 7.57 -7.98 12.21
N GLY A 359 6.70 -8.49 11.34
CA GLY A 359 5.55 -9.25 11.82
C GLY A 359 4.18 -8.59 11.64
N VAL A 360 3.16 -9.25 12.19
CA VAL A 360 1.78 -8.83 12.03
C VAL A 360 1.50 -7.68 12.98
N ILE A 361 0.94 -6.60 12.44
CA ILE A 361 0.63 -5.41 13.25
C ILE A 361 -0.30 -5.76 14.42
N ASP A 362 -0.17 -4.99 15.49
CA ASP A 362 -0.98 -5.13 16.69
C ASP A 362 -1.44 -3.75 17.11
N PRO A 363 -2.62 -3.34 16.63
CA PRO A 363 -3.15 -1.99 16.82
C PRO A 363 -3.27 -1.56 18.27
N VAL A 364 -3.84 -2.40 19.13
CA VAL A 364 -3.98 -2.03 20.54
C VAL A 364 -2.60 -1.76 21.15
N ALA A 365 -1.64 -2.61 20.84
CA ALA A 365 -0.27 -2.42 21.35
C ALA A 365 0.34 -1.14 20.78
N ALA A 366 0.23 -0.95 19.46
CA ALA A 366 0.72 0.29 18.81
C ALA A 366 0.17 1.57 19.43
N LEU A 367 -1.05 1.48 19.95
CA LEU A 367 -1.70 2.67 20.49
C LEU A 367 -1.48 2.90 21.98
N THR A 368 -0.94 1.90 22.68
CA THR A 368 -0.87 1.94 24.15
C THR A 368 0.53 1.73 24.75
N TRP A 369 1.40 0.94 24.11
CA TRP A 369 2.75 0.67 24.67
C TRP A 369 3.56 1.93 24.79
N GLU A 370 4.37 1.99 25.85
CA GLU A 370 5.34 3.06 26.02
C GLU A 370 6.69 2.55 25.60
N ILE A 371 7.25 3.18 24.57
CA ILE A 371 8.54 2.77 24.00
C ILE A 371 9.38 4.00 23.68
N PRO A 372 10.71 3.82 23.53
CA PRO A 372 11.55 4.92 23.03
C PRO A 372 11.12 5.36 21.61
N ASP A 373 10.92 6.66 21.41
CA ASP A 373 10.51 7.19 20.09
C ASP A 373 11.49 6.88 18.95
N GLY A 374 12.78 6.97 19.25
CA GLY A 374 13.80 6.75 18.25
C GLY A 374 14.03 7.98 17.41
N PRO A 375 14.85 7.86 16.35
CA PRO A 375 15.25 8.99 15.49
C PRO A 375 14.06 9.65 14.77
N GLU A 376 14.13 10.96 14.56
CA GLU A 376 13.05 11.70 13.93
C GLU A 376 12.93 11.42 12.43
N LYS A 377 14.06 11.19 11.77
CA LYS A 377 14.07 10.81 10.37
C LYS A 377 14.87 9.55 10.20
N ALA A 378 14.51 8.74 9.20
CA ALA A 378 15.25 7.52 8.92
C ALA A 378 16.75 7.84 8.76
N PRO A 379 17.60 7.17 9.56
CA PRO A 379 19.05 7.39 9.46
C PRO A 379 19.61 6.98 8.10
N PHE A 380 20.63 7.69 7.62
CA PHE A 380 21.23 7.35 6.34
C PHE A 380 22.75 7.46 6.34
N ARG A 381 23.36 6.84 5.33
CA ARG A 381 24.78 7.01 5.03
C ARG A 381 24.94 7.61 3.65
N VAL A 382 26.01 8.38 3.47
CA VAL A 382 26.36 8.94 2.16
C VAL A 382 27.55 8.20 1.55
N LYS A 383 28.10 7.28 2.32
CA LYS A 383 29.24 6.48 1.91
C LYS A 383 28.91 5.00 2.12
N GLU A 384 29.22 4.15 1.14
CA GLU A 384 28.87 2.73 1.20
C GLU A 384 29.70 1.92 2.21
N VAL A 385 29.01 1.06 2.95
CA VAL A 385 29.64 0.09 3.86
C VAL A 385 30.31 -1.03 3.03
N PRO A 386 31.62 -1.26 3.26
CA PRO A 386 32.39 -2.30 2.54
C PRO A 386 31.83 -3.73 2.72
C1 GOL B . 9.44 -3.29 22.59
O1 GOL B . 10.09 -2.02 22.43
C2 GOL B . 10.24 -4.32 21.82
O2 GOL B . 10.76 -3.70 20.64
C3 GOL B . 9.32 -5.44 21.40
O3 GOL B . 9.95 -6.17 20.33
C1 GOL C . 16.54 -4.95 10.46
O1 GOL C . 15.24 -4.55 10.90
C2 GOL C . 16.53 -5.11 8.95
O2 GOL C . 16.80 -6.48 8.60
C3 GOL C . 17.58 -4.20 8.33
O3 GOL C . 17.72 -4.50 6.93
C1 GOL D . -3.26 -7.85 16.71
O1 GOL D . -4.53 -7.92 17.36
C2 GOL D . -2.81 -9.21 16.18
O2 GOL D . -1.42 -9.12 15.84
C3 GOL D . -2.98 -10.30 17.23
O3 GOL D . -2.00 -11.32 17.00
C1 GOL E . 5.04 -15.48 11.20
O1 GOL E . 4.89 -16.63 10.36
C2 GOL E . 3.74 -15.24 11.98
O2 GOL E . 2.86 -14.48 11.15
C3 GOL E . 4.05 -14.49 13.28
O3 GOL E . 4.20 -13.09 13.04
C1 GOL F . 10.75 -19.71 10.83
O1 GOL F . 10.25 -20.57 9.78
C2 GOL F . 10.07 -18.35 10.75
O2 GOL F . 8.74 -18.45 10.26
C3 GOL F . 10.85 -17.45 9.81
O3 GOL F . 10.77 -16.11 10.33
C1 GOL G . 18.64 3.72 -7.32
O1 GOL G . 19.32 2.55 -6.84
C2 GOL G . 17.61 3.38 -8.39
O2 GOL G . 17.93 2.12 -8.99
C3 GOL G . 17.61 4.48 -9.45
O3 GOL G . 16.88 4.06 -10.61
C1 GOL H . -13.24 -8.83 -19.66
O1 GOL H . -14.48 -8.97 -18.95
C2 GOL H . -13.54 -8.33 -21.06
O2 GOL H . -12.36 -8.38 -21.87
C3 GOL H . -14.04 -6.89 -20.98
O3 GOL H . -14.27 -6.40 -22.30
C1 GOL I . 2.43 -8.54 20.67
O1 GOL I . 2.57 -7.18 20.27
C2 GOL I . 1.89 -9.37 19.50
O2 GOL I . 2.59 -10.62 19.48
C3 GOL I . 0.40 -9.62 19.64
O3 GOL I . -0.04 -10.67 18.76
C1 GOL J . 5.46 -4.38 -19.04
O1 GOL J . 5.88 -3.07 -18.61
C2 GOL J . 5.58 -4.54 -20.55
O2 GOL J . 4.45 -5.29 -21.01
C3 GOL J . 5.58 -3.20 -21.30
O3 GOL J . 4.78 -3.31 -22.48
C1 GOL K . 0.75 15.28 -18.12
O1 GOL K . 0.17 14.27 -18.97
C2 GOL K . 2.27 15.13 -18.03
O2 GOL K . 2.68 15.39 -16.68
C3 GOL K . 2.70 13.73 -18.45
O3 GOL K . 4.10 13.58 -18.21
#